data_6T6L
#
_entry.id   6T6L
#
_cell.length_a   133.211
_cell.length_b   111.337
_cell.length_c   49.149
_cell.angle_alpha   90.000
_cell.angle_beta   104.170
_cell.angle_gamma   90.000
#
_symmetry.space_group_name_H-M   'C 1 2 1'
#
loop_
_entity.id
_entity.type
_entity.pdbx_description
1 polymer Nucleoprotein
2 non-polymer 'MANGANESE (II) ION'
3 non-polymer 'ZINC ION'
4 water water
#
_entity_poly.entity_id   1
_entity_poly.type   'polypeptide(L)'
_entity_poly.pdbx_seq_one_letter_code
;GLTYSQTMELKDSMLQLDPNAKTWIDIEGRPEDPVEIAIYQPNNGQYIHFYREPTDIKQFKQDSKHSHGIDIQDLFSVQP
GLTSAVIESLPKNMVLSCQGADDIRKLLDSQNRRDIKLIDVSMQKDDARKFEDKIWDEYKHLCRMHTGIVTQKKKRGGKE
EVTPHCALLDCLMFEAAVIGSPQIPTPRPVLSRDLVFRTGPPRVVL
;
_entity_poly.pdbx_strand_id   A,B,C
#
loop_
_chem_comp.id
_chem_comp.type
_chem_comp.name
_chem_comp.formula
MN non-polymer 'MANGANESE (II) ION' 'Mn 2'
ZN non-polymer 'ZINC ION' 'Zn 2'
#
# COMPACT_ATOMS: atom_id res chain seq x y z
N GLY A 1 -14.35 32.25 7.80
CA GLY A 1 -15.31 31.75 6.82
C GLY A 1 -14.62 31.43 5.51
N LEU A 2 -15.37 30.88 4.57
CA LEU A 2 -14.83 30.57 3.26
C LEU A 2 -14.80 31.82 2.40
N THR A 3 -13.73 31.99 1.62
CA THR A 3 -13.73 33.00 0.56
C THR A 3 -14.76 32.64 -0.51
N TYR A 4 -14.87 33.53 -1.50
CA TYR A 4 -15.85 33.29 -2.57
C TYR A 4 -15.43 32.11 -3.44
N SER A 5 -14.20 32.11 -3.93
CA SER A 5 -13.77 31.00 -4.77
C SER A 5 -13.81 29.69 -4.00
N GLN A 6 -13.50 29.71 -2.70
CA GLN A 6 -13.52 28.48 -1.91
C GLN A 6 -14.93 27.92 -1.77
N THR A 7 -15.92 28.80 -1.55
CA THR A 7 -17.30 28.34 -1.49
C THR A 7 -17.73 27.69 -2.79
N MET A 8 -17.39 28.32 -3.92
CA MET A 8 -17.68 27.74 -5.24
C MET A 8 -17.00 26.39 -5.39
N GLU A 9 -15.70 26.32 -5.07
CA GLU A 9 -14.98 25.05 -5.15
C GLU A 9 -15.64 23.98 -4.27
N LEU A 10 -16.09 24.36 -3.06
CA LEU A 10 -16.69 23.39 -2.18
C LEU A 10 -18.00 22.87 -2.78
N LYS A 11 -18.83 23.78 -3.28
CA LYS A 11 -20.10 23.38 -3.86
C LYS A 11 -19.88 22.51 -5.10
N ASP A 12 -18.81 22.78 -5.85
CA ASP A 12 -18.54 22.01 -7.07
C ASP A 12 -18.01 20.63 -6.72
N SER A 13 -17.03 20.57 -5.81
CA SER A 13 -16.51 19.28 -5.36
C SER A 13 -17.63 18.41 -4.82
N MET A 14 -18.53 18.99 -4.04
CA MET A 14 -19.61 18.21 -3.44
C MET A 14 -20.61 17.70 -4.46
N LEU A 15 -20.73 18.33 -5.61
CA LEU A 15 -21.65 17.82 -6.61
C LEU A 15 -21.16 16.53 -7.24
N GLN A 16 -19.95 16.09 -6.90
CA GLN A 16 -19.52 14.74 -7.25
C GLN A 16 -20.28 13.68 -6.49
N LEU A 17 -20.96 14.03 -5.40
CA LEU A 17 -21.71 13.05 -4.64
C LEU A 17 -22.93 12.60 -5.43
N ASP A 18 -23.18 11.29 -5.42
CA ASP A 18 -24.43 10.74 -5.93
C ASP A 18 -25.50 10.96 -4.87
N PRO A 19 -26.51 11.78 -5.15
CA PRO A 19 -27.47 12.14 -4.09
C PRO A 19 -28.31 10.96 -3.60
N ASN A 20 -28.36 9.86 -4.35
CA ASN A 20 -29.16 8.70 -4.00
C ASN A 20 -28.32 7.47 -3.65
N ALA A 21 -26.99 7.59 -3.63
CA ALA A 21 -26.14 6.47 -3.27
C ALA A 21 -26.04 6.33 -1.74
N LYS A 22 -25.79 5.11 -1.29
CA LYS A 22 -25.48 4.89 0.13
C LYS A 22 -24.36 5.82 0.57
N THR A 23 -24.59 6.51 1.68
CA THR A 23 -23.63 7.51 2.17
C THR A 23 -23.52 7.36 3.68
N TRP A 24 -22.31 7.09 4.17
CA TRP A 24 -22.05 7.10 5.60
C TRP A 24 -21.73 8.52 6.06
N ILE A 25 -22.09 8.82 7.31
CA ILE A 25 -21.59 10.01 7.99
C ILE A 25 -21.13 9.63 9.39
N ASP A 26 -20.03 10.24 9.82
CA ASP A 26 -19.50 10.01 11.15
C ASP A 26 -18.84 11.30 11.59
N ILE A 27 -18.97 11.65 12.87
CA ILE A 27 -18.31 12.85 13.39
C ILE A 27 -17.55 12.49 14.66
N GLU A 28 -16.51 13.27 14.96
CA GLU A 28 -15.89 13.21 16.27
C GLU A 28 -16.09 14.55 16.95
N GLY A 29 -16.28 14.53 18.27
CA GLY A 29 -16.66 15.68 19.08
C GLY A 29 -18.17 15.76 19.29
N ARG A 30 -18.56 16.57 20.29
CA ARG A 30 -19.95 16.92 20.56
C ARG A 30 -20.63 17.53 19.33
N PRO A 31 -21.93 17.29 19.18
CA PRO A 31 -22.65 17.85 18.01
C PRO A 31 -22.69 19.38 18.01
N GLU A 32 -22.67 19.98 19.20
CA GLU A 32 -22.59 21.43 19.27
C GLU A 32 -21.17 21.96 19.09
N ASP A 33 -20.17 21.08 18.99
CA ASP A 33 -18.77 21.48 18.91
C ASP A 33 -17.97 20.40 18.19
N PRO A 34 -18.32 20.04 16.96
CA PRO A 34 -17.63 18.92 16.30
C PRO A 34 -16.23 19.35 15.86
N VAL A 35 -15.33 18.37 15.75
CA VAL A 35 -13.95 18.63 15.33
C VAL A 35 -13.53 17.83 14.11
N GLU A 36 -14.26 16.78 13.72
CA GLU A 36 -13.89 16.02 12.54
C GLU A 36 -15.17 15.46 11.96
N ILE A 37 -15.34 15.62 10.66
CA ILE A 37 -16.54 15.15 9.97
C ILE A 37 -16.12 14.37 8.72
N ALA A 38 -16.76 13.23 8.49
CA ALA A 38 -16.54 12.46 7.26
C ALA A 38 -17.86 12.02 6.68
N ILE A 39 -17.98 12.13 5.36
CA ILE A 39 -19.17 11.75 4.61
C ILE A 39 -18.68 10.92 3.44
N TYR A 40 -19.09 9.66 3.36
CA TYR A 40 -18.39 8.70 2.53
C TYR A 40 -19.37 7.84 1.75
N GLN A 41 -19.16 7.76 0.43
CA GLN A 41 -20.02 6.93 -0.43
C GLN A 41 -19.26 5.68 -0.86
N PRO A 42 -19.58 4.50 -0.29
CA PRO A 42 -18.76 3.31 -0.58
C PRO A 42 -18.80 2.88 -2.03
N ASN A 43 -19.94 3.03 -2.72
CA ASN A 43 -20.05 2.46 -4.06
C ASN A 43 -19.13 3.16 -5.06
N ASN A 44 -18.89 4.46 -4.90
CA ASN A 44 -17.94 5.16 -5.75
C ASN A 44 -16.65 5.54 -5.07
N GLY A 45 -16.54 5.37 -3.74
CA GLY A 45 -15.32 5.66 -3.00
C GLY A 45 -15.15 7.11 -2.57
N GLN A 46 -15.97 8.03 -3.05
CA GLN A 46 -15.76 9.44 -2.76
C GLN A 46 -16.03 9.76 -1.30
N TYR A 47 -15.24 10.65 -0.72
CA TYR A 47 -15.56 11.07 0.63
C TYR A 47 -15.23 12.55 0.82
N ILE A 48 -16.07 13.20 1.62
CA ILE A 48 -15.83 14.54 2.12
C ILE A 48 -15.31 14.40 3.55
N HIS A 49 -14.16 14.99 3.85
CA HIS A 49 -13.53 14.80 5.15
C HIS A 49 -12.78 16.08 5.52
N PHE A 50 -13.04 16.59 6.73
CA PHE A 50 -12.42 17.85 7.14
C PHE A 50 -12.49 17.95 8.66
N TYR A 51 -11.89 19.02 9.19
CA TYR A 51 -11.71 19.22 10.62
C TYR A 51 -12.25 20.58 11.03
N ARG A 52 -12.34 20.78 12.35
CA ARG A 52 -12.85 22.03 12.90
C ARG A 52 -12.23 22.25 14.28
N GLU A 53 -11.83 23.49 14.55
CA GLU A 53 -11.34 23.80 15.88
C GLU A 53 -12.48 23.86 16.89
N PRO A 54 -12.30 23.31 18.08
CA PRO A 54 -13.36 23.33 19.09
C PRO A 54 -13.49 24.70 19.74
N THR A 55 -14.70 24.99 20.22
CA THR A 55 -14.92 26.17 21.04
C THR A 55 -14.74 25.90 22.53
N ASP A 56 -14.99 24.67 22.98
CA ASP A 56 -14.85 24.28 24.38
C ASP A 56 -13.56 23.47 24.52
N ILE A 57 -12.47 24.16 24.89
CA ILE A 57 -11.18 23.48 24.96
C ILE A 57 -11.14 22.42 26.05
N LYS A 58 -11.87 22.61 27.15
CA LYS A 58 -11.76 21.66 28.24
C LYS A 58 -12.57 20.40 27.98
N GLN A 59 -13.67 20.48 27.25
CA GLN A 59 -14.29 19.26 26.77
C GLN A 59 -13.42 18.59 25.72
N PHE A 60 -12.82 19.38 24.83
CA PHE A 60 -11.95 18.82 23.79
C PHE A 60 -10.85 17.98 24.40
N LYS A 61 -10.26 18.43 25.51
CA LYS A 61 -9.15 17.69 26.10
C LYS A 61 -9.60 16.36 26.68
N GLN A 62 -10.80 16.31 27.25
CA GLN A 62 -11.36 15.02 27.69
C GLN A 62 -11.68 14.13 26.50
N ASP A 63 -12.33 14.69 25.47
CA ASP A 63 -12.62 13.89 24.29
C ASP A 63 -11.35 13.37 23.65
N SER A 64 -10.30 14.20 23.63
CA SER A 64 -9.06 13.76 23.00
C SER A 64 -8.49 12.56 23.75
N LYS A 65 -8.54 12.59 25.09
CA LYS A 65 -7.99 11.46 25.84
C LYS A 65 -8.83 10.22 25.65
N HIS A 66 -10.12 10.40 25.35
CA HIS A 66 -11.06 9.30 25.45
C HIS A 66 -11.87 9.00 24.18
N SER A 67 -11.64 9.68 23.05
CA SER A 67 -12.05 9.01 21.80
C SER A 67 -11.09 9.29 20.66
N HIS A 68 -10.84 10.57 20.32
CA HIS A 68 -10.21 10.79 19.03
C HIS A 68 -8.71 11.04 19.08
N GLY A 69 -8.13 11.33 20.23
CA GLY A 69 -6.68 11.45 20.26
C GLY A 69 -6.07 12.59 19.46
N ILE A 70 -6.85 13.62 19.12
CA ILE A 70 -6.35 14.73 18.33
C ILE A 70 -5.73 15.76 19.27
N ASP A 71 -4.55 16.24 18.90
CA ASP A 71 -3.87 17.32 19.58
C ASP A 71 -4.44 18.66 19.13
N ILE A 72 -4.84 19.51 20.10
CA ILE A 72 -5.42 20.80 19.78
C ILE A 72 -4.51 21.62 18.86
N GLN A 73 -3.20 21.46 19.00
CA GLN A 73 -2.24 22.17 18.13
C GLN A 73 -2.35 21.80 16.68
N ASP A 74 -2.78 20.59 16.38
CA ASP A 74 -2.84 20.22 15.00
C ASP A 74 -4.07 20.76 14.31
N LEU A 75 -4.98 21.38 15.05
CA LEU A 75 -6.17 21.96 14.46
C LEU A 75 -6.03 23.45 14.25
N PHE A 76 -4.91 24.05 14.68
CA PHE A 76 -4.84 25.49 14.56
C PHE A 76 -4.89 25.93 13.10
N SER A 77 -4.42 25.09 12.18
CA SER A 77 -4.29 25.49 10.78
C SER A 77 -5.42 24.99 9.90
N VAL A 78 -6.51 24.50 10.45
CA VAL A 78 -7.57 24.03 9.57
C VAL A 78 -8.42 25.21 9.11
N GLN A 79 -9.03 25.06 7.94
CA GLN A 79 -9.89 26.08 7.39
C GLN A 79 -11.19 26.20 8.20
N PRO A 80 -11.56 27.40 8.65
CA PRO A 80 -12.81 27.55 9.39
C PRO A 80 -14.01 27.67 8.44
N GLY A 81 -15.19 27.41 9.01
CA GLY A 81 -16.45 27.57 8.29
C GLY A 81 -16.86 26.38 7.45
N LEU A 82 -16.04 25.34 7.36
CA LEU A 82 -16.37 24.21 6.49
C LEU A 82 -17.58 23.43 6.98
N THR A 83 -17.79 23.33 8.29
CA THR A 83 -18.86 22.49 8.80
C THR A 83 -20.22 23.02 8.34
N SER A 84 -20.49 24.31 8.57
CA SER A 84 -21.80 24.81 8.18
C SER A 84 -21.93 24.89 6.66
N ALA A 85 -20.81 25.11 5.97
CA ALA A 85 -20.87 25.19 4.51
C ALA A 85 -21.18 23.83 3.90
N VAL A 86 -20.53 22.77 4.38
CA VAL A 86 -20.79 21.43 3.83
C VAL A 86 -22.23 21.02 4.11
N ILE A 87 -22.67 21.18 5.37
CA ILE A 87 -24.01 20.74 5.73
C ILE A 87 -25.07 21.50 4.94
N GLU A 88 -24.85 22.80 4.71
CA GLU A 88 -25.81 23.55 3.91
C GLU A 88 -25.89 23.03 2.48
N SER A 89 -24.80 22.51 1.94
CA SER A 89 -24.77 22.10 0.54
C SER A 89 -25.12 20.62 0.32
N LEU A 90 -25.45 19.88 1.36
CA LEU A 90 -25.84 18.48 1.15
C LEU A 90 -27.14 18.42 0.34
N PRO A 91 -27.28 17.45 -0.57
CA PRO A 91 -28.53 17.33 -1.34
C PRO A 91 -29.75 17.27 -0.44
N LYS A 92 -30.86 17.81 -0.93
CA LYS A 92 -32.09 17.79 -0.17
C LYS A 92 -32.58 16.35 0.05
N ASN A 93 -33.09 16.07 1.25
CA ASN A 93 -33.67 14.78 1.62
C ASN A 93 -32.67 13.63 1.50
N MET A 94 -31.37 13.91 1.54
CA MET A 94 -30.40 12.81 1.49
C MET A 94 -30.61 11.85 2.67
N VAL A 95 -30.34 10.58 2.43
CA VAL A 95 -30.45 9.52 3.44
C VAL A 95 -29.04 9.05 3.77
N LEU A 96 -28.63 9.24 5.03
CA LEU A 96 -27.26 8.94 5.46
C LEU A 96 -27.27 7.81 6.47
N SER A 97 -26.30 6.90 6.34
CA SER A 97 -26.13 5.82 7.29
C SER A 97 -25.06 6.19 8.31
N CYS A 98 -25.25 5.72 9.55
CA CYS A 98 -24.33 6.04 10.61
C CYS A 98 -24.40 4.97 11.67
N GLN A 99 -23.36 4.89 12.48
CA GLN A 99 -23.35 4.03 13.67
C GLN A 99 -23.56 4.89 14.91
N GLY A 100 -24.80 4.87 15.44
CA GLY A 100 -25.19 5.78 16.51
C GLY A 100 -25.62 7.13 15.96
N ALA A 101 -26.92 7.40 15.90
CA ALA A 101 -27.46 8.56 15.18
C ALA A 101 -27.76 9.76 16.07
N ASP A 102 -27.76 9.62 17.39
CA ASP A 102 -28.34 10.66 18.24
C ASP A 102 -27.62 11.99 18.09
N ASP A 103 -26.27 11.97 18.12
CA ASP A 103 -25.52 13.21 18.02
C ASP A 103 -25.60 13.84 16.63
N ILE A 104 -25.48 13.04 15.58
CA ILE A 104 -25.53 13.60 14.24
C ILE A 104 -26.92 14.16 13.95
N ARG A 105 -27.96 13.53 14.49
CA ARG A 105 -29.31 14.09 14.35
C ARG A 105 -29.39 15.50 14.93
N LYS A 106 -28.81 15.70 16.11
CA LYS A 106 -28.82 17.04 16.72
C LYS A 106 -28.01 18.03 15.90
N LEU A 107 -26.87 17.58 15.35
CA LEU A 107 -26.05 18.50 14.56
C LEU A 107 -26.79 18.95 13.30
N LEU A 108 -27.39 18.01 12.59
CA LEU A 108 -28.13 18.35 11.38
C LEU A 108 -29.35 19.22 11.68
N ASP A 109 -30.08 18.90 12.76
CA ASP A 109 -31.26 19.71 13.12
C ASP A 109 -30.85 21.13 13.53
N SER A 110 -29.77 21.25 14.33
CA SER A 110 -29.21 22.55 14.70
C SER A 110 -28.85 23.39 13.48
N GLN A 111 -28.55 22.75 12.35
CA GLN A 111 -28.21 23.45 11.12
C GLN A 111 -29.41 23.54 10.18
N ASN A 112 -30.61 23.30 10.69
CA ASN A 112 -31.85 23.35 9.89
C ASN A 112 -31.79 22.44 8.66
N ARG A 113 -31.28 21.23 8.86
CA ARG A 113 -31.35 20.20 7.83
C ARG A 113 -32.15 19.02 8.37
N ARG A 114 -33.35 19.30 8.87
CA ARG A 114 -34.23 18.22 9.32
C ARG A 114 -34.69 17.35 8.17
N ASP A 115 -34.50 17.79 6.92
CA ASP A 115 -34.85 16.97 5.77
C ASP A 115 -33.90 15.80 5.57
N ILE A 116 -32.70 15.88 6.13
CA ILE A 116 -31.75 14.78 5.96
C ILE A 116 -32.16 13.67 6.91
N LYS A 117 -32.23 12.45 6.40
N LYS A 117 -32.23 12.45 6.41
CA LYS A 117 -32.67 11.30 7.15
CA LYS A 117 -32.69 11.31 7.18
C LYS A 117 -31.46 10.46 7.56
C LYS A 117 -31.50 10.42 7.55
N LEU A 118 -31.50 9.93 8.79
CA LEU A 118 -30.43 9.07 9.29
C LEU A 118 -30.92 7.64 9.43
N ILE A 119 -30.11 6.71 8.93
CA ILE A 119 -30.30 5.28 9.16
C ILE A 119 -29.26 4.87 10.20
N ASP A 120 -29.68 4.51 11.41
CA ASP A 120 -28.75 4.07 12.44
C ASP A 120 -28.55 2.57 12.29
N VAL A 121 -27.35 2.17 11.84
CA VAL A 121 -27.09 0.75 11.62
C VAL A 121 -27.00 -0.01 12.93
N SER A 122 -26.54 0.67 13.96
CA SER A 122 -26.62 0.26 15.36
C SER A 122 -26.19 -1.21 15.56
N MET A 123 -24.97 -1.42 15.10
CA MET A 123 -24.21 -2.66 15.30
C MET A 123 -23.74 -2.62 16.75
N GLN A 124 -23.50 -3.81 17.31
CA GLN A 124 -22.92 -3.95 18.65
C GLN A 124 -21.51 -3.33 18.56
N LYS A 125 -21.07 -2.70 19.64
CA LYS A 125 -19.79 -1.95 19.71
C LYS A 125 -18.61 -2.73 19.13
N ASP A 126 -18.49 -4.00 19.47
CA ASP A 126 -17.35 -4.82 19.01
C ASP A 126 -17.53 -5.21 17.54
N ASP A 127 -18.74 -5.57 17.16
CA ASP A 127 -18.98 -5.99 15.77
C ASP A 127 -18.65 -4.84 14.82
N ALA A 128 -19.02 -3.62 15.20
CA ALA A 128 -18.81 -2.45 14.35
C ALA A 128 -17.32 -2.25 14.06
N ARG A 129 -16.45 -2.64 14.99
CA ARG A 129 -15.03 -2.40 14.81
C ARG A 129 -14.25 -3.68 14.51
N LYS A 130 -14.93 -4.71 13.99
CA LYS A 130 -14.27 -5.98 13.67
C LYS A 130 -13.07 -5.78 12.73
N PHE A 131 -13.17 -4.85 11.79
CA PHE A 131 -12.11 -4.63 10.82
C PHE A 131 -11.27 -3.40 11.12
N GLU A 132 -11.31 -2.93 12.37
CA GLU A 132 -10.56 -1.73 12.76
C GLU A 132 -9.08 -1.87 12.41
N ASP A 133 -8.46 -2.97 12.83
CA ASP A 133 -7.03 -3.14 12.56
C ASP A 133 -6.74 -3.18 11.07
N LYS A 134 -7.56 -3.92 10.30
CA LYS A 134 -7.32 -4.04 8.86
C LYS A 134 -7.50 -2.70 8.16
N ILE A 135 -8.47 -1.90 8.61
CA ILE A 135 -8.71 -0.60 7.99
C ILE A 135 -7.58 0.37 8.31
N TRP A 136 -7.10 0.37 9.57
CA TRP A 136 -5.97 1.24 9.88
C TRP A 136 -4.72 0.80 9.11
N ASP A 137 -4.52 -0.51 8.98
CA ASP A 137 -3.36 -0.98 8.22
C ASP A 137 -3.34 -0.41 6.82
N GLU A 138 -4.48 -0.48 6.12
CA GLU A 138 -4.54 -0.11 4.72
C GLU A 138 -4.70 1.39 4.52
N TYR A 139 -5.36 2.08 5.45
CA TYR A 139 -5.80 3.45 5.19
C TYR A 139 -5.32 4.47 6.22
N LYS A 140 -4.37 4.10 7.10
CA LYS A 140 -3.87 5.04 8.10
C LYS A 140 -3.34 6.33 7.46
N HIS A 141 -2.86 6.25 6.22
CA HIS A 141 -2.27 7.40 5.57
C HIS A 141 -3.31 8.48 5.25
N LEU A 142 -4.60 8.11 5.26
CA LEU A 142 -5.65 9.05 4.88
C LEU A 142 -5.93 10.08 5.96
N CYS A 143 -5.50 9.85 7.20
CA CYS A 143 -5.68 10.85 8.24
C CYS A 143 -4.61 10.65 9.30
N ARG A 144 -3.82 11.70 9.49
CA ARG A 144 -2.70 11.78 10.41
C ARG A 144 -2.95 12.50 11.72
N MET A 145 -4.21 12.83 12.00
CA MET A 145 -4.52 13.74 13.09
C MET A 145 -4.60 13.06 14.45
N HIS A 146 -4.59 11.73 14.50
CA HIS A 146 -4.90 11.03 15.74
C HIS A 146 -3.60 10.55 16.39
N THR A 147 -2.97 11.46 17.13
CA THR A 147 -1.61 11.25 17.63
C THR A 147 -1.56 10.86 19.10
N GLY A 148 -2.61 11.14 19.86
CA GLY A 148 -2.59 10.90 21.28
C GLY A 148 -3.01 9.48 21.63
N ILE A 149 -2.63 9.06 22.84
CA ILE A 149 -3.08 7.77 23.36
C ILE A 149 -4.51 7.93 23.86
N VAL A 150 -5.36 6.97 23.53
CA VAL A 150 -6.78 7.04 23.87
C VAL A 150 -7.11 5.88 24.79
N THR A 151 -7.79 6.18 25.90
CA THR A 151 -8.25 5.14 26.80
C THR A 151 -9.76 5.26 27.00
N GLN A 152 -10.41 4.11 27.21
CA GLN A 152 -11.85 4.09 27.40
C GLN A 152 -12.19 3.16 28.56
N LYS A 153 -13.21 3.47 29.32
CA LYS A 153 -13.73 2.59 30.39
C LYS A 153 -14.08 1.20 29.84
N LYS A 154 -13.82 0.24 30.66
CA LYS A 154 -14.35 -1.10 30.41
C LYS A 154 -15.67 -1.25 31.15
N LYS A 155 -16.64 -1.86 30.48
CA LYS A 155 -17.95 -2.04 31.09
C LYS A 155 -17.89 -2.83 32.39
N ARG A 156 -16.88 -3.67 32.58
CA ARG A 156 -16.72 -4.41 33.83
C ARG A 156 -15.68 -3.85 34.81
N GLY A 157 -15.22 -2.61 34.65
CA GLY A 157 -14.28 -2.15 35.65
C GLY A 157 -12.90 -1.76 35.13
N GLY A 158 -12.50 -0.52 35.36
CA GLY A 158 -11.20 -0.03 34.96
C GLY A 158 -11.24 0.55 33.55
N LYS A 159 -10.06 0.72 32.98
CA LYS A 159 -9.91 1.37 31.68
C LYS A 159 -8.95 0.58 30.80
N GLU A 160 -8.99 0.86 29.49
CA GLU A 160 -8.09 0.21 28.57
C GLU A 160 -7.78 1.14 27.41
N GLU A 161 -6.59 0.98 26.86
CA GLU A 161 -6.25 1.73 25.66
C GLU A 161 -6.95 1.14 24.44
N VAL A 162 -7.44 2.02 23.57
CA VAL A 162 -8.08 1.59 22.32
C VAL A 162 -7.44 2.38 21.19
N THR A 163 -7.67 1.93 19.96
CA THR A 163 -7.23 2.73 18.81
C THR A 163 -8.05 4.00 18.75
N PRO A 164 -7.44 5.16 18.50
CA PRO A 164 -8.21 6.40 18.40
C PRO A 164 -9.30 6.29 17.35
N HIS A 165 -10.38 7.05 17.56
CA HIS A 165 -11.49 7.09 16.61
C HIS A 165 -11.30 8.25 15.63
N CYS A 166 -11.30 7.91 14.35
CA CYS A 166 -11.25 8.87 13.26
C CYS A 166 -12.56 8.80 12.48
N ALA A 167 -13.16 9.95 12.20
CA ALA A 167 -14.47 9.93 11.57
C ALA A 167 -14.40 9.24 10.21
N LEU A 168 -13.29 9.43 9.49
CA LEU A 168 -13.17 8.83 8.17
C LEU A 168 -12.95 7.32 8.27
N LEU A 169 -11.98 6.90 9.06
CA LEU A 169 -11.70 5.46 9.11
C LEU A 169 -12.84 4.72 9.78
N ASP A 170 -13.58 5.37 10.68
CA ASP A 170 -14.80 4.77 11.22
C ASP A 170 -15.80 4.47 10.11
N CYS A 171 -16.07 5.44 9.22
CA CYS A 171 -16.92 5.15 8.06
C CYS A 171 -16.40 3.94 7.28
N LEU A 172 -15.10 3.91 6.99
CA LEU A 172 -14.55 2.83 6.18
C LEU A 172 -14.74 1.47 6.88
N MET A 173 -14.42 1.41 8.17
CA MET A 173 -14.52 0.12 8.85
C MET A 173 -15.98 -0.26 9.11
N PHE A 174 -16.89 0.72 9.26
CA PHE A 174 -18.30 0.35 9.41
C PHE A 174 -18.82 -0.28 8.14
N GLU A 175 -18.46 0.28 6.99
CA GLU A 175 -18.81 -0.36 5.72
C GLU A 175 -18.21 -1.76 5.61
N ALA A 176 -16.93 -1.89 6.00
CA ALA A 176 -16.31 -3.22 5.95
C ALA A 176 -17.08 -4.21 6.82
N ALA A 177 -17.51 -3.77 7.99
CA ALA A 177 -18.28 -4.66 8.87
C ALA A 177 -19.60 -5.06 8.23
N VAL A 178 -20.28 -4.12 7.57
CA VAL A 178 -21.55 -4.45 6.93
C VAL A 178 -21.37 -5.45 5.81
N ILE A 179 -20.35 -5.27 4.97
CA ILE A 179 -20.19 -6.19 3.86
C ILE A 179 -19.43 -7.46 4.22
N GLY A 180 -18.75 -7.49 5.37
CA GLY A 180 -18.05 -8.67 5.88
C GLY A 180 -16.63 -8.84 5.40
N SER A 181 -16.03 -7.80 4.82
CA SER A 181 -14.69 -7.83 4.27
C SER A 181 -14.22 -6.40 4.07
N PRO A 182 -12.94 -6.14 4.10
CA PRO A 182 -12.48 -4.78 3.75
C PRO A 182 -12.43 -4.51 2.25
N GLN A 183 -13.13 -5.32 1.45
CA GLN A 183 -13.17 -5.13 0.01
C GLN A 183 -14.14 -4.00 -0.32
N ILE A 184 -13.61 -2.78 -0.31
CA ILE A 184 -14.38 -1.61 -0.74
C ILE A 184 -13.67 -0.97 -1.93
N PRO A 185 -14.39 -0.26 -2.79
CA PRO A 185 -13.71 0.57 -3.81
C PRO A 185 -12.78 1.58 -3.14
N THR A 186 -11.66 1.86 -3.81
CA THR A 186 -10.63 2.75 -3.27
C THR A 186 -11.24 4.10 -2.81
N PRO A 187 -11.06 4.48 -1.54
CA PRO A 187 -11.54 5.80 -1.09
C PRO A 187 -10.71 6.91 -1.68
N ARG A 188 -11.41 7.96 -2.13
CA ARG A 188 -10.76 9.11 -2.76
C ARG A 188 -11.33 10.38 -2.13
N PRO A 189 -10.50 11.29 -1.67
CA PRO A 189 -11.02 12.56 -1.13
C PRO A 189 -11.60 13.44 -2.22
N VAL A 190 -12.76 14.03 -1.91
CA VAL A 190 -13.38 14.98 -2.83
C VAL A 190 -12.79 16.38 -2.63
N LEU A 191 -12.46 16.74 -1.39
CA LEU A 191 -11.97 18.07 -1.06
C LEU A 191 -10.46 18.18 -1.26
N SER A 192 -10.04 19.29 -1.84
CA SER A 192 -8.61 19.56 -1.94
C SER A 192 -8.02 19.79 -0.55
N ARG A 193 -6.75 19.39 -0.38
CA ARG A 193 -6.08 19.62 0.89
C ARG A 193 -6.01 21.10 1.22
N ASP A 194 -5.93 21.96 0.20
CA ASP A 194 -5.87 23.40 0.42
C ASP A 194 -7.21 24.00 0.80
N LEU A 195 -8.29 23.25 0.60
CA LEU A 195 -9.57 23.66 1.14
C LEU A 195 -9.72 23.22 2.59
N VAL A 196 -9.14 22.08 2.94
CA VAL A 196 -9.24 21.54 4.29
C VAL A 196 -8.32 22.29 5.23
N PHE A 197 -7.12 22.57 4.78
CA PHE A 197 -6.17 23.31 5.63
C PHE A 197 -5.85 24.66 5.00
N ARG A 198 -5.53 25.62 5.86
CA ARG A 198 -5.00 26.93 5.43
C ARG A 198 -3.56 26.73 4.91
N THR A 199 -3.07 27.64 4.07
CA THR A 199 -1.69 27.46 3.56
C THR A 199 -0.72 27.39 4.74
N GLY A 200 0.07 26.33 4.76
CA GLY A 200 1.00 26.10 5.86
C GLY A 200 2.33 26.75 5.60
N PRO A 201 3.36 26.46 6.39
CA PRO A 201 4.68 27.07 6.15
C PRO A 201 5.22 26.62 4.85
N PRO A 202 6.13 27.42 4.25
CA PRO A 202 6.74 27.02 2.98
C PRO A 202 7.61 25.80 3.19
N ARG A 203 7.88 25.09 2.08
CA ARG A 203 8.78 23.96 2.20
C ARG A 203 10.17 24.46 2.57
N VAL A 204 10.86 23.66 3.36
CA VAL A 204 12.23 23.96 3.75
C VAL A 204 13.13 23.53 2.62
N VAL A 205 14.06 24.40 2.24
CA VAL A 205 15.00 24.06 1.18
C VAL A 205 16.10 23.19 1.77
N LEU A 206 16.19 21.96 1.27
CA LEU A 206 17.11 20.97 1.78
C LEU A 206 18.17 20.72 0.72
N GLY B 1 26.72 26.07 -5.78
CA GLY B 1 25.46 26.21 -6.48
C GLY B 1 25.40 25.50 -7.82
N LEU B 2 24.26 24.86 -8.08
CA LEU B 2 24.04 24.26 -9.39
C LEU B 2 23.78 25.37 -10.40
N THR B 3 24.56 25.37 -11.48
CA THR B 3 24.27 26.28 -12.58
C THR B 3 22.89 25.96 -13.16
N TYR B 4 22.34 26.94 -13.89
CA TYR B 4 21.08 26.71 -14.60
C TYR B 4 21.20 25.45 -15.45
N SER B 5 22.25 25.39 -16.25
CA SER B 5 22.70 24.21 -16.98
C SER B 5 22.68 22.92 -16.16
N GLN B 6 23.23 22.96 -14.95
CA GLN B 6 23.30 21.76 -14.13
C GLN B 6 21.93 21.38 -13.61
N THR B 7 21.12 22.36 -13.25
CA THR B 7 19.76 22.06 -12.85
C THR B 7 18.99 21.38 -13.99
N MET B 8 19.12 21.89 -15.23
CA MET B 8 18.53 21.24 -16.38
C MET B 8 19.01 19.80 -16.52
N GLU B 9 20.33 19.60 -16.47
CA GLU B 9 20.88 18.25 -16.55
C GLU B 9 20.26 17.32 -15.51
N LEU B 10 20.08 17.82 -14.30
CA LEU B 10 19.51 16.98 -13.21
C LEU B 10 18.11 16.50 -13.61
N LYS B 11 17.29 17.43 -14.03
CA LYS B 11 15.91 17.02 -14.38
C LYS B 11 15.95 16.02 -15.54
N ASP B 12 16.79 16.24 -16.55
CA ASP B 12 16.81 15.32 -17.71
C ASP B 12 17.30 13.95 -17.25
N SER B 13 18.25 13.98 -16.35
CA SER B 13 18.75 12.66 -15.92
C SER B 13 17.67 11.89 -15.16
N MET B 14 16.87 12.59 -14.35
CA MET B 14 15.86 11.88 -13.58
C MET B 14 14.80 11.27 -14.47
N LEU B 15 14.61 11.80 -15.68
CA LEU B 15 13.69 11.16 -16.61
C LEU B 15 14.23 9.86 -17.17
N GLN B 16 15.49 9.50 -16.86
CA GLN B 16 15.95 8.15 -17.13
C GLN B 16 15.22 7.14 -16.27
N LEU B 17 14.62 7.58 -15.17
CA LEU B 17 13.86 6.69 -14.30
C LEU B 17 12.56 6.27 -14.96
N ASP B 18 12.24 4.99 -14.83
CA ASP B 18 10.94 4.50 -15.23
C ASP B 18 9.91 4.85 -14.16
N PRO B 19 8.91 5.69 -14.46
CA PRO B 19 7.95 6.10 -13.43
C PRO B 19 7.11 4.95 -12.90
N ASN B 20 7.10 3.80 -13.56
CA ASN B 20 6.29 2.66 -13.15
C ASN B 20 7.13 1.47 -12.68
N ALA B 21 8.44 1.61 -12.59
CA ALA B 21 9.27 0.53 -12.07
C ALA B 21 9.25 0.55 -10.55
N LYS B 22 9.40 -0.64 -9.95
CA LYS B 22 9.65 -0.74 -8.51
C LYS B 22 10.84 0.14 -8.16
N THR B 23 10.69 0.99 -7.14
CA THR B 23 11.72 1.97 -6.79
C THR B 23 11.92 2.00 -5.29
N TRP B 24 13.16 1.74 -4.86
CA TRP B 24 13.56 1.83 -3.47
C TRP B 24 13.98 3.26 -3.15
N ILE B 25 13.74 3.68 -1.90
CA ILE B 25 14.32 4.91 -1.36
C ILE B 25 14.85 4.61 0.04
N ASP B 26 16.00 5.20 0.38
CA ASP B 26 16.59 5.07 1.70
C ASP B 26 17.33 6.37 1.98
N ILE B 27 17.32 6.83 3.23
CA ILE B 27 18.06 8.04 3.58
C ILE B 27 18.88 7.78 4.83
N GLU B 28 19.98 8.51 4.96
CA GLU B 28 20.70 8.57 6.22
C GLU B 28 20.63 10.00 6.71
N GLY B 29 20.59 10.16 8.01
CA GLY B 29 20.29 11.44 8.61
C GLY B 29 18.81 11.57 8.95
N ARG B 30 18.49 12.51 9.82
CA ARG B 30 17.11 12.67 10.21
C ARG B 30 16.36 13.30 9.05
N PRO B 31 15.05 13.10 8.96
CA PRO B 31 14.32 13.65 7.80
C PRO B 31 14.37 15.16 7.73
N GLU B 32 14.49 15.85 8.85
CA GLU B 32 14.62 17.30 8.84
C GLU B 32 16.05 17.74 8.52
N ASP B 33 17.00 16.81 8.44
CA ASP B 33 18.41 17.15 8.25
C ASP B 33 19.14 15.98 7.60
N PRO B 34 18.71 15.53 6.42
CA PRO B 34 19.33 14.31 5.85
C PRO B 34 20.71 14.60 5.29
N VAL B 35 21.54 13.57 5.23
CA VAL B 35 22.90 13.71 4.70
C VAL B 35 23.18 12.78 3.52
N GLU B 36 22.35 11.78 3.29
CA GLU B 36 22.59 10.88 2.17
C GLU B 36 21.23 10.37 1.70
N ILE B 37 20.97 10.41 0.39
CA ILE B 37 19.71 9.95 -0.18
C ILE B 37 20.00 9.03 -1.36
N ALA B 38 19.28 7.92 -1.45
CA ALA B 38 19.39 7.02 -2.59
C ALA B 38 18.00 6.60 -3.06
N ILE B 39 17.82 6.60 -4.38
CA ILE B 39 16.57 6.19 -5.02
C ILE B 39 16.96 5.23 -6.13
N TYR B 40 16.45 3.99 -6.06
CA TYR B 40 17.08 2.91 -6.82
C TYR B 40 16.03 2.01 -7.45
N GLN B 41 16.13 1.78 -8.77
CA GLN B 41 15.20 0.93 -9.49
C GLN B 41 15.88 -0.38 -9.84
N PRO B 42 15.56 -1.48 -9.15
CA PRO B 42 16.36 -2.70 -9.33
C PRO B 42 16.28 -3.28 -10.73
N ASN B 43 15.11 -3.23 -11.38
CA ASN B 43 14.97 -3.97 -12.64
C ASN B 43 15.81 -3.37 -13.76
N ASN B 44 16.00 -2.06 -13.77
CA ASN B 44 16.89 -1.43 -14.76
C ASN B 44 18.23 -1.00 -14.18
N GLY B 45 18.41 -1.09 -12.86
CA GLY B 45 19.67 -0.78 -12.21
C GLY B 45 19.91 0.69 -11.92
N GLN B 46 19.09 1.58 -12.45
CA GLN B 46 19.39 3.00 -12.33
C GLN B 46 19.21 3.49 -10.90
N TYR B 47 20.08 4.40 -10.47
CA TYR B 47 19.88 4.98 -9.15
C TYR B 47 20.26 6.44 -9.13
N ILE B 48 19.53 7.20 -8.32
CA ILE B 48 19.85 8.57 -7.93
C ILE B 48 20.45 8.53 -6.54
N HIS B 49 21.65 9.12 -6.37
CA HIS B 49 22.36 9.02 -5.10
C HIS B 49 23.17 10.30 -4.89
N PHE B 50 23.03 10.92 -3.73
CA PHE B 50 23.73 12.18 -3.48
C PHE B 50 23.79 12.44 -1.98
N TYR B 51 24.48 13.52 -1.62
CA TYR B 51 24.77 13.84 -0.23
C TYR B 51 24.33 15.26 0.08
N ARG B 52 24.35 15.58 1.37
CA ARG B 52 23.92 16.87 1.86
C ARG B 52 24.66 17.19 3.16
N GLU B 53 25.12 18.43 3.29
CA GLU B 53 25.77 18.84 4.53
C GLU B 53 24.73 19.06 5.63
N PRO B 54 24.97 18.57 6.84
CA PRO B 54 23.98 18.72 7.91
C PRO B 54 23.97 20.13 8.46
N THR B 55 22.81 20.52 8.97
CA THR B 55 22.70 21.77 9.72
C THR B 55 22.91 21.57 11.22
N ASP B 56 22.59 20.40 11.75
CA ASP B 56 22.72 20.11 13.18
C ASP B 56 23.99 19.28 13.35
N ILE B 57 25.11 19.97 13.62
CA ILE B 57 26.37 19.26 13.64
C ILE B 57 26.45 18.27 14.79
N LYS B 58 25.76 18.59 15.90
CA LYS B 58 25.70 17.73 17.11
C LYS B 58 24.95 16.44 16.81
N GLN B 59 23.77 16.52 16.23
CA GLN B 59 23.07 15.24 15.92
C GLN B 59 23.88 14.52 14.84
N PHE B 60 24.50 15.26 13.95
CA PHE B 60 25.26 14.56 12.91
C PHE B 60 26.34 13.68 13.51
N LYS B 61 27.06 14.18 14.51
CA LYS B 61 28.16 13.40 15.05
C LYS B 61 27.69 12.17 15.79
N GLN B 62 26.51 12.24 16.39
CA GLN B 62 25.92 11.04 16.96
C GLN B 62 25.58 10.04 15.85
N ASP B 63 24.96 10.52 14.77
CA ASP B 63 24.66 9.63 13.65
C ASP B 63 25.93 9.03 13.05
N SER B 64 27.00 9.83 12.95
CA SER B 64 28.23 9.30 12.37
C SER B 64 28.79 8.17 13.22
N LYS B 65 28.77 8.33 14.55
CA LYS B 65 29.32 7.32 15.44
C LYS B 65 28.42 6.10 15.54
N HIS B 66 27.12 6.24 15.32
CA HIS B 66 26.19 5.17 15.64
C HIS B 66 25.33 4.73 14.47
N SER B 67 25.57 5.24 13.27
CA SER B 67 24.80 4.82 12.11
C SER B 67 25.62 4.81 10.82
N HIS B 68 25.99 5.98 10.30
CA HIS B 68 26.51 6.04 8.95
C HIS B 68 28.04 6.20 8.84
N GLY B 69 28.74 6.56 9.91
CA GLY B 69 30.19 6.60 9.85
C GLY B 69 30.78 7.64 8.93
N ILE B 70 30.03 8.69 8.58
CA ILE B 70 30.49 9.70 7.63
C ILE B 70 31.26 10.78 8.39
N ASP B 71 32.43 11.17 7.83
CA ASP B 71 33.20 12.28 8.38
C ASP B 71 32.61 13.60 7.88
N ILE B 72 32.27 14.51 8.80
CA ILE B 72 31.65 15.76 8.41
C ILE B 72 32.50 16.48 7.38
N GLN B 73 33.81 16.32 7.45
CA GLN B 73 34.69 17.03 6.53
C GLN B 73 34.49 16.57 5.09
N ASP B 74 34.02 15.34 4.87
CA ASP B 74 33.84 14.88 3.51
C ASP B 74 32.57 15.41 2.86
N LEU B 75 31.73 16.15 3.60
CA LEU B 75 30.52 16.72 3.04
C LEU B 75 30.67 18.20 2.69
N PHE B 76 31.84 18.82 2.96
CA PHE B 76 32.00 20.24 2.71
C PHE B 76 31.91 20.59 1.22
N SER B 77 32.19 19.67 0.31
CA SER B 77 32.24 20.01 -1.12
C SER B 77 31.04 19.48 -1.94
N VAL B 78 29.93 19.06 -1.30
CA VAL B 78 28.79 18.52 -2.06
C VAL B 78 27.96 19.66 -2.62
N GLN B 79 27.22 19.42 -3.68
CA GLN B 79 26.34 20.47 -4.22
C GLN B 79 25.17 20.69 -3.25
N PRO B 80 24.84 21.94 -2.85
CA PRO B 80 23.67 22.22 -2.01
C PRO B 80 22.42 22.17 -2.85
N GLY B 81 21.28 21.94 -2.19
CA GLY B 81 19.99 22.03 -2.82
C GLY B 81 19.51 20.80 -3.56
N LEU B 82 20.31 19.74 -3.63
CA LEU B 82 19.91 18.56 -4.40
C LEU B 82 18.71 17.87 -3.79
N THR B 83 18.59 17.88 -2.46
CA THR B 83 17.49 17.15 -1.83
C THR B 83 16.14 17.71 -2.26
N SER B 84 15.98 19.04 -2.18
CA SER B 84 14.68 19.57 -2.59
C SER B 84 14.50 19.50 -4.10
N ALA B 85 15.58 19.63 -4.86
CA ALA B 85 15.45 19.59 -6.32
C ALA B 85 15.04 18.20 -6.79
N VAL B 86 15.66 17.15 -6.25
CA VAL B 86 15.31 15.80 -6.66
C VAL B 86 13.88 15.46 -6.27
N ILE B 87 13.52 15.74 -5.01
CA ILE B 87 12.20 15.38 -4.53
C ILE B 87 11.12 16.10 -5.32
N GLU B 88 11.35 17.37 -5.68
CA GLU B 88 10.37 18.10 -6.46
C GLU B 88 10.16 17.49 -7.85
N SER B 89 11.20 16.88 -8.43
CA SER B 89 11.12 16.37 -9.79
C SER B 89 10.70 14.91 -9.88
N LEU B 90 10.42 14.24 -8.76
CA LEU B 90 9.91 12.88 -8.83
C LEU B 90 8.53 12.88 -9.48
N PRO B 91 8.29 11.88 -10.34
CA PRO B 91 7.04 11.69 -11.03
C PRO B 91 5.86 11.79 -10.06
N LYS B 92 4.76 12.28 -10.57
CA LYS B 92 3.52 12.41 -9.79
C LYS B 92 3.02 11.02 -9.37
N ASN B 93 2.59 10.88 -8.12
CA ASN B 93 2.02 9.63 -7.58
C ASN B 93 3.00 8.44 -7.67
N MET B 94 4.29 8.69 -7.73
CA MET B 94 5.25 7.60 -7.73
C MET B 94 5.09 6.82 -6.44
N VAL B 95 5.30 5.52 -6.52
CA VAL B 95 5.20 4.61 -5.39
C VAL B 95 6.61 4.12 -5.07
N LEU B 96 7.06 4.35 -3.85
CA LEU B 96 8.41 4.01 -3.45
C LEU B 96 8.39 2.93 -2.39
N SER B 97 9.31 1.97 -2.52
CA SER B 97 9.53 0.94 -1.51
C SER B 97 10.66 1.34 -0.58
N CYS B 98 10.53 0.96 0.69
CA CYS B 98 11.46 1.39 1.71
C CYS B 98 11.37 0.44 2.88
N GLN B 99 12.46 0.37 3.65
CA GLN B 99 12.52 -0.38 4.91
C GLN B 99 12.40 0.61 6.08
N GLY B 100 11.20 0.70 6.65
CA GLY B 100 10.89 1.71 7.65
C GLY B 100 10.49 3.01 6.99
N ALA B 101 9.18 3.31 7.01
CA ALA B 101 8.63 4.41 6.21
C ALA B 101 8.51 5.73 6.97
N ASP B 102 8.66 5.73 8.30
CA ASP B 102 8.24 6.90 9.07
C ASP B 102 9.06 8.14 8.73
N ASP B 103 10.39 8.00 8.66
CA ASP B 103 11.23 9.16 8.35
C ASP B 103 11.05 9.61 6.92
N ILE B 104 10.99 8.67 5.97
CA ILE B 104 10.85 9.06 4.58
C ILE B 104 9.50 9.72 4.35
N ARG B 105 8.48 9.29 5.07
CA ARG B 105 7.16 9.96 4.95
C ARG B 105 7.30 11.41 5.42
N LYS B 106 8.00 11.64 6.52
CA LYS B 106 8.15 13.04 7.00
C LYS B 106 8.92 13.85 5.96
N LEU B 107 10.00 13.29 5.45
CA LEU B 107 10.80 14.06 4.46
C LEU B 107 9.95 14.43 3.25
N LEU B 108 9.21 13.47 2.70
CA LEU B 108 8.41 13.77 1.51
C LEU B 108 7.31 14.78 1.82
N ASP B 109 6.62 14.61 2.95
CA ASP B 109 5.58 15.56 3.33
C ASP B 109 6.16 16.94 3.57
N SER B 110 7.36 17.00 4.18
CA SER B 110 8.08 18.27 4.33
C SER B 110 8.26 19.00 3.01
N GLN B 111 8.32 18.26 1.91
CA GLN B 111 8.51 18.85 0.58
C GLN B 111 7.20 18.95 -0.18
N ASN B 112 6.07 18.79 0.51
CA ASN B 112 4.75 18.83 -0.10
C ASN B 112 4.62 17.82 -1.23
N ARG B 113 5.12 16.60 -0.98
CA ARG B 113 4.92 15.49 -1.91
C ARG B 113 4.12 14.39 -1.24
N ARG B 114 2.96 14.75 -0.68
CA ARG B 114 2.07 13.75 -0.11
C ARG B 114 1.49 12.80 -1.15
N ASP B 115 1.59 13.15 -2.44
CA ASP B 115 1.15 12.28 -3.52
C ASP B 115 2.04 11.05 -3.69
N ILE B 116 3.26 11.08 -3.16
CA ILE B 116 4.14 9.92 -3.27
C ILE B 116 3.75 8.90 -2.21
N LYS B 117 3.49 7.67 -2.65
CA LYS B 117 3.04 6.60 -1.79
C LYS B 117 4.23 5.73 -1.39
N LEU B 118 4.20 5.22 -0.16
CA LEU B 118 5.26 4.37 0.34
C LEU B 118 4.75 2.96 0.58
N ILE B 119 5.51 1.97 0.12
CA ILE B 119 5.34 0.57 0.50
C ILE B 119 6.43 0.23 1.50
N ASP B 120 6.05 0.04 2.77
CA ASP B 120 7.02 -0.33 3.81
C ASP B 120 7.13 -1.85 3.82
N VAL B 121 8.29 -2.36 3.40
CA VAL B 121 8.52 -3.80 3.31
C VAL B 121 8.63 -4.45 4.69
N SER B 122 8.96 -3.67 5.72
CA SER B 122 8.85 -4.09 7.13
C SER B 122 9.54 -5.42 7.40
N MET B 123 10.77 -5.54 6.90
CA MET B 123 11.55 -6.74 7.19
C MET B 123 12.06 -6.70 8.62
N GLN B 124 12.23 -7.89 9.21
CA GLN B 124 12.95 -7.97 10.48
C GLN B 124 14.37 -7.47 10.27
N LYS B 125 14.92 -6.82 11.31
CA LYS B 125 16.17 -6.08 11.14
C LYS B 125 17.28 -6.94 10.58
N ASP B 126 17.43 -8.17 11.08
CA ASP B 126 18.53 -9.02 10.60
C ASP B 126 18.24 -9.58 9.21
N ASP B 127 16.98 -9.93 8.93
CA ASP B 127 16.58 -10.38 7.59
C ASP B 127 16.92 -9.33 6.54
N ALA B 128 16.65 -8.06 6.84
CA ALA B 128 16.87 -7.01 5.84
C ALA B 128 18.34 -6.88 5.47
N ARG B 129 19.23 -7.23 6.39
CA ARG B 129 20.66 -7.10 6.12
C ARG B 129 21.34 -8.44 5.92
N LYS B 130 20.58 -9.47 5.53
CA LYS B 130 21.18 -10.79 5.36
C LYS B 130 22.36 -10.78 4.40
N PHE B 131 22.28 -9.99 3.33
CA PHE B 131 23.32 -9.95 2.30
C PHE B 131 24.23 -8.73 2.42
N GLU B 132 24.27 -8.11 3.60
CA GLU B 132 25.10 -6.92 3.79
C GLU B 132 26.55 -7.18 3.40
N ASP B 133 27.13 -8.27 3.88
CA ASP B 133 28.54 -8.53 3.63
C ASP B 133 28.81 -8.67 2.14
N LYS B 134 27.97 -9.45 1.44
CA LYS B 134 28.18 -9.65 0.01
C LYS B 134 27.95 -8.37 -0.79
N ILE B 135 26.99 -7.55 -0.37
CA ILE B 135 26.73 -6.32 -1.12
C ILE B 135 27.90 -5.35 -0.97
N TRP B 136 28.43 -5.20 0.25
CA TRP B 136 29.61 -4.36 0.41
C TRP B 136 30.81 -4.94 -0.33
N ASP B 137 30.93 -6.27 -0.32
CA ASP B 137 32.02 -6.90 -1.06
C ASP B 137 31.98 -6.49 -2.52
N GLU B 138 30.80 -6.51 -3.12
CA GLU B 138 30.69 -6.27 -4.55
C GLU B 138 30.60 -4.79 -4.90
N TYR B 139 29.97 -3.99 -4.05
CA TYR B 139 29.59 -2.65 -4.47
C TYR B 139 30.16 -1.52 -3.62
N LYS B 140 31.12 -1.82 -2.73
CA LYS B 140 31.70 -0.76 -1.91
C LYS B 140 32.27 0.38 -2.75
N HIS B 141 32.67 0.08 -4.00
CA HIS B 141 33.26 1.14 -4.81
C HIS B 141 32.24 2.21 -5.18
N LEU B 142 30.95 1.92 -5.07
CA LEU B 142 29.93 2.88 -5.45
C LEU B 142 29.74 3.99 -4.44
N CYS B 143 30.22 3.83 -3.21
CA CYS B 143 30.14 4.91 -2.22
C CYS B 143 31.29 4.79 -1.25
N ARG B 144 32.15 5.82 -1.21
CA ARG B 144 33.34 5.84 -0.37
C ARG B 144 33.21 6.77 0.83
N MET B 145 31.99 7.16 1.19
CA MET B 145 31.79 8.19 2.20
C MET B 145 31.79 7.67 3.63
N HIS B 146 31.76 6.36 3.84
CA HIS B 146 31.54 5.79 5.17
C HIS B 146 32.89 5.33 5.71
N THR B 147 33.58 6.24 6.39
CA THR B 147 34.96 6.03 6.81
C THR B 147 35.12 5.73 8.28
N GLY B 148 34.10 6.05 9.10
CA GLY B 148 34.22 5.90 10.54
C GLY B 148 33.78 4.55 11.05
N ILE B 149 34.25 4.22 12.24
CA ILE B 149 33.79 3.03 12.95
C ILE B 149 32.42 3.32 13.54
N VAL B 150 31.48 2.38 13.38
CA VAL B 150 30.11 2.57 13.83
C VAL B 150 29.80 1.51 14.89
N THR B 151 29.27 1.96 16.03
CA THR B 151 28.80 1.07 17.08
C THR B 151 27.35 1.42 17.40
N GLN B 152 26.57 0.39 17.73
CA GLN B 152 25.16 0.57 18.03
C GLN B 152 24.78 -0.17 19.31
N LYS B 153 23.82 0.38 20.04
N LYS B 153 23.82 0.37 20.03
CA LYS B 153 23.28 -0.35 21.19
CA LYS B 153 23.32 -0.34 21.21
C LYS B 153 22.56 -1.60 20.70
C LYS B 153 22.51 -1.55 20.77
N LYS B 154 22.73 -2.68 21.43
CA LYS B 154 21.89 -3.85 21.22
C LYS B 154 20.68 -3.73 22.13
N LYS B 155 19.51 -4.00 21.56
CA LYS B 155 18.24 -3.85 22.28
C LYS B 155 18.25 -4.68 23.56
N ARG B 156 18.90 -5.82 23.54
CA ARG B 156 18.99 -6.67 24.70
C ARG B 156 20.21 -6.35 25.57
N GLY B 157 20.83 -5.19 25.39
CA GLY B 157 21.92 -4.85 26.30
C GLY B 157 23.29 -4.86 25.65
N GLY B 158 24.07 -3.81 25.92
CA GLY B 158 25.45 -3.67 25.47
C GLY B 158 25.53 -3.00 24.10
N LYS B 159 26.71 -3.10 23.49
CA LYS B 159 27.01 -2.49 22.20
C LYS B 159 27.67 -3.49 21.28
N GLU B 160 27.68 -3.15 19.99
CA GLU B 160 28.38 -3.94 19.00
C GLU B 160 28.84 -3.02 17.89
N GLU B 161 30.00 -3.34 17.31
CA GLU B 161 30.44 -2.65 16.11
C GLU B 161 29.73 -3.24 14.90
N VAL B 162 29.29 -2.38 13.99
CA VAL B 162 28.55 -2.83 12.80
C VAL B 162 29.12 -2.18 11.55
N THR B 163 28.72 -2.73 10.40
CA THR B 163 29.02 -2.11 9.13
C THR B 163 28.23 -0.80 9.04
N PRO B 164 28.86 0.29 8.61
CA PRO B 164 28.13 1.56 8.48
C PRO B 164 26.96 1.47 7.51
N HIS B 165 25.95 2.28 7.75
CA HIS B 165 24.77 2.32 6.90
C HIS B 165 24.98 3.32 5.79
N CYS B 166 24.85 2.85 4.56
CA CYS B 166 24.91 3.68 3.36
C CYS B 166 23.54 3.64 2.71
N ALA B 167 22.99 4.80 2.37
CA ALA B 167 21.63 4.81 1.80
C ALA B 167 21.57 4.02 0.50
N LEU B 168 22.63 4.09 -0.31
CA LEU B 168 22.62 3.36 -1.56
C LEU B 168 22.77 1.87 -1.31
N LEU B 169 23.78 1.48 -0.55
CA LEU B 169 23.99 0.04 -0.41
C LEU B 169 22.89 -0.60 0.44
N ASP B 170 22.23 0.19 1.30
CA ASP B 170 21.04 -0.30 1.99
C ASP B 170 19.95 -0.64 0.98
N CYS B 171 19.69 0.26 0.03
CA CYS B 171 18.75 -0.06 -1.05
C CYS B 171 19.14 -1.36 -1.73
N LEU B 172 20.42 -1.50 -2.08
CA LEU B 172 20.86 -2.68 -2.81
C LEU B 172 20.65 -3.94 -1.99
N MET B 173 21.02 -3.92 -0.71
CA MET B 173 20.90 -5.14 0.08
C MET B 173 19.44 -5.42 0.44
N PHE B 174 18.58 -4.39 0.51
CA PHE B 174 17.16 -4.67 0.75
C PHE B 174 16.56 -5.40 -0.45
N GLU B 175 16.90 -4.99 -1.67
CA GLU B 175 16.50 -5.73 -2.85
C GLU B 175 17.04 -7.15 -2.84
N ALA B 176 18.32 -7.31 -2.44
CA ALA B 176 18.88 -8.66 -2.34
C ALA B 176 18.08 -9.52 -1.38
N ALA B 177 17.69 -8.97 -0.23
CA ALA B 177 16.90 -9.75 0.72
C ALA B 177 15.55 -10.12 0.13
N VAL B 178 14.94 -9.18 -0.61
CA VAL B 178 13.63 -9.47 -1.19
C VAL B 178 13.74 -10.63 -2.18
N ILE B 179 14.76 -10.61 -3.04
CA ILE B 179 14.89 -11.66 -4.06
C ILE B 179 15.61 -12.91 -3.55
N GLY B 180 16.23 -12.87 -2.38
CA GLY B 180 16.87 -14.05 -1.83
C GLY B 180 18.27 -14.30 -2.32
N SER B 181 18.94 -13.26 -2.84
CA SER B 181 20.25 -13.42 -3.45
C SER B 181 20.88 -12.06 -3.67
N PRO B 182 22.21 -11.93 -3.64
CA PRO B 182 22.82 -10.65 -4.01
C PRO B 182 22.95 -10.45 -5.50
N GLN B 183 22.41 -11.34 -6.33
CA GLN B 183 22.51 -11.21 -7.79
C GLN B 183 21.42 -10.24 -8.27
N ILE B 184 21.70 -8.96 -8.09
CA ILE B 184 20.79 -7.92 -8.54
C ILE B 184 21.36 -7.46 -9.87
N PRO B 185 20.55 -6.89 -10.76
CA PRO B 185 21.13 -6.28 -11.97
C PRO B 185 22.14 -5.20 -11.58
N THR B 186 23.17 -5.05 -12.41
CA THR B 186 24.23 -4.09 -12.14
C THR B 186 23.62 -2.72 -11.89
N PRO B 187 23.84 -2.11 -10.73
CA PRO B 187 23.38 -0.73 -10.51
C PRO B 187 24.26 0.28 -11.23
N ARG B 188 23.61 1.30 -11.77
N ARG B 188 23.59 1.30 -11.77
CA ARG B 188 24.31 2.34 -12.55
CA ARG B 188 24.29 2.33 -12.57
C ARG B 188 23.85 3.72 -12.10
C ARG B 188 23.84 3.71 -12.10
N PRO B 189 24.76 4.63 -11.77
CA PRO B 189 24.38 5.98 -11.34
C PRO B 189 23.81 6.81 -12.48
N VAL B 190 22.73 7.52 -12.17
CA VAL B 190 22.07 8.42 -13.11
C VAL B 190 22.70 9.82 -13.08
N LEU B 191 23.16 10.27 -11.93
CA LEU B 191 23.72 11.61 -11.79
C LEU B 191 25.21 11.62 -12.08
N SER B 192 25.65 12.62 -12.83
CA SER B 192 27.08 12.83 -13.00
C SER B 192 27.70 13.28 -11.68
N ARG B 193 28.97 12.93 -11.48
CA ARG B 193 29.65 13.33 -10.25
C ARG B 193 29.68 14.84 -10.06
N ASP B 194 29.68 15.61 -11.16
CA ASP B 194 29.75 17.07 -11.03
C ASP B 194 28.44 17.68 -10.57
N LEU B 195 27.34 16.92 -10.63
CA LEU B 195 26.07 17.34 -10.06
C LEU B 195 26.02 17.07 -8.56
N VAL B 196 26.75 16.05 -8.11
CA VAL B 196 26.81 15.65 -6.72
C VAL B 196 27.84 16.46 -5.92
N PHE B 197 29.03 16.69 -6.50
CA PHE B 197 30.11 17.38 -5.82
C PHE B 197 30.44 18.68 -6.54
N ARG B 198 30.82 19.69 -5.76
CA ARG B 198 31.41 20.91 -6.31
C ARG B 198 32.68 20.59 -7.09
N THR B 199 32.97 21.39 -8.10
CA THR B 199 34.17 21.17 -8.90
C THR B 199 35.40 21.20 -8.00
N GLY B 200 36.33 20.29 -8.25
CA GLY B 200 37.49 20.18 -7.40
C GLY B 200 38.68 20.99 -7.88
N PRO B 201 39.81 20.79 -7.21
CA PRO B 201 41.03 21.48 -7.60
C PRO B 201 41.46 21.08 -9.00
N PRO B 202 42.28 21.90 -9.66
CA PRO B 202 42.76 21.54 -10.99
C PRO B 202 43.57 20.25 -10.92
N ARG B 203 43.75 19.64 -12.09
CA ARG B 203 44.52 18.42 -12.19
C ARG B 203 45.93 18.65 -11.68
N VAL B 204 46.50 17.60 -11.09
CA VAL B 204 47.87 17.66 -10.62
C VAL B 204 48.78 17.37 -11.79
N VAL B 205 49.78 18.23 -12.00
CA VAL B 205 50.74 18.01 -13.07
C VAL B 205 51.83 17.07 -12.55
N LEU B 206 51.90 15.87 -13.13
CA LEU B 206 52.85 14.86 -12.69
C LEU B 206 53.79 14.47 -13.82
N LEU C 2 -0.94 -39.74 13.81
CA LEU C 2 0.25 -40.35 14.47
C LEU C 2 1.44 -40.39 13.55
N THR C 3 1.42 -39.58 12.48
CA THR C 3 2.53 -39.53 11.51
C THR C 3 2.53 -38.18 10.79
N TYR C 4 3.25 -38.08 9.67
CA TYR C 4 3.32 -36.82 8.88
C TYR C 4 2.45 -36.94 7.63
N SER C 5 2.59 -35.97 6.73
CA SER C 5 1.75 -35.97 5.53
C SER C 5 2.02 -34.69 4.70
N GLN C 6 1.52 -34.71 3.48
CA GLN C 6 1.45 -33.47 2.70
C GLN C 6 0.21 -32.73 3.23
N THR C 7 -0.80 -33.46 3.67
CA THR C 7 -2.01 -32.82 4.21
C THR C 7 -1.66 -32.01 5.47
N MET C 8 -0.76 -32.55 6.30
CA MET C 8 -0.33 -31.81 7.50
C MET C 8 0.19 -30.46 7.06
N GLU C 9 1.16 -30.48 6.14
CA GLU C 9 1.84 -29.30 5.57
C GLU C 9 0.81 -28.32 4.98
N LEU C 10 -0.26 -28.83 4.37
CA LEU C 10 -1.22 -27.94 3.71
C LEU C 10 -2.03 -27.13 4.70
N LYS C 11 -2.58 -27.78 5.73
CA LYS C 11 -3.43 -27.07 6.67
C LYS C 11 -2.64 -26.04 7.46
N ASP C 12 -1.37 -26.32 7.74
CA ASP C 12 -0.55 -25.37 8.50
C ASP C 12 -0.16 -24.19 7.63
N SER C 13 0.25 -24.48 6.38
CA SER C 13 0.58 -23.41 5.45
C SER C 13 -0.61 -22.46 5.27
N MET C 14 -1.82 -23.00 5.18
CA MET C 14 -2.97 -22.15 4.96
C MET C 14 -3.29 -21.25 6.14
N LEU C 15 -2.87 -21.62 7.35
CA LEU C 15 -3.07 -20.74 8.49
C LEU C 15 -2.13 -19.52 8.45
N GLN C 16 -1.21 -19.47 7.49
CA GLN C 16 -0.44 -18.25 7.26
C GLN C 16 -1.29 -17.11 6.71
N LEU C 17 -2.47 -17.41 6.16
CA LEU C 17 -3.35 -16.35 5.69
C LEU C 17 -3.92 -15.58 6.88
N ASP C 18 -4.00 -14.27 6.74
CA ASP C 18 -4.63 -13.41 7.74
C ASP C 18 -6.14 -13.58 7.63
N PRO C 19 -6.83 -14.12 8.66
CA PRO C 19 -8.23 -14.54 8.48
C PRO C 19 -9.23 -13.42 8.20
N ASN C 20 -8.91 -12.17 8.51
CA ASN C 20 -9.85 -11.08 8.26
C ASN C 20 -9.36 -10.13 7.17
N ALA C 21 -8.23 -10.41 6.55
CA ALA C 21 -7.70 -9.53 5.51
C ALA C 21 -8.43 -9.73 4.19
N LYS C 22 -8.46 -8.66 3.40
CA LYS C 22 -8.96 -8.73 2.03
C LYS C 22 -8.26 -9.84 1.24
N THR C 23 -9.05 -10.71 0.61
CA THR C 23 -8.55 -11.91 -0.04
C THR C 23 -9.26 -12.12 -1.39
N TRP C 24 -8.48 -12.22 -2.46
CA TRP C 24 -8.95 -12.55 -3.80
C TRP C 24 -8.97 -14.05 -4.04
N ILE C 25 -9.90 -14.48 -4.89
CA ILE C 25 -9.87 -15.82 -5.47
C ILE C 25 -10.14 -15.70 -6.96
N ASP C 26 -9.46 -16.53 -7.75
CA ASP C 26 -9.65 -16.61 -9.18
C ASP C 26 -9.36 -18.04 -9.63
N ILE C 27 -10.10 -18.54 -10.62
CA ILE C 27 -9.85 -19.87 -11.14
C ILE C 27 -9.79 -19.85 -12.66
N GLU C 28 -9.07 -20.84 -13.20
CA GLU C 28 -9.14 -21.14 -14.61
C GLU C 28 -9.64 -22.57 -14.77
N GLY C 29 -10.36 -22.79 -15.86
CA GLY C 29 -11.11 -24.01 -16.09
C GLY C 29 -12.54 -23.87 -15.64
N ARG C 30 -13.38 -24.78 -16.15
CA ARG C 30 -14.77 -24.82 -15.74
C ARG C 30 -14.88 -25.23 -14.27
N PRO C 31 -15.91 -24.78 -13.57
CA PRO C 31 -16.02 -25.10 -12.13
C PRO C 31 -16.13 -26.59 -11.84
N GLU C 32 -16.70 -27.37 -12.75
CA GLU C 32 -16.76 -28.81 -12.59
C GLU C 32 -15.47 -29.52 -12.98
N ASP C 33 -14.48 -28.80 -13.52
CA ASP C 33 -13.22 -29.38 -13.99
C ASP C 33 -12.14 -28.31 -13.95
N PRO C 34 -11.86 -27.69 -12.80
CA PRO C 34 -10.92 -26.56 -12.77
C PRO C 34 -9.49 -27.04 -12.93
N VAL C 35 -8.62 -26.17 -13.43
CA VAL C 35 -7.22 -26.52 -13.64
C VAL C 35 -6.25 -25.59 -12.93
N GLU C 36 -6.70 -24.44 -12.44
CA GLU C 36 -5.78 -23.54 -11.76
C GLU C 36 -6.57 -22.72 -10.76
N ILE C 37 -6.06 -22.62 -9.53
CA ILE C 37 -6.73 -21.87 -8.49
C ILE C 37 -5.71 -20.98 -7.80
N ALA C 38 -6.10 -19.73 -7.54
CA ALA C 38 -5.28 -18.81 -6.78
C ALA C 38 -6.13 -18.11 -5.74
N ILE C 39 -5.56 -17.95 -4.54
CA ILE C 39 -6.18 -17.25 -3.42
C ILE C 39 -5.12 -16.31 -2.87
N TYR C 40 -5.39 -14.99 -2.88
CA TYR C 40 -4.33 -13.99 -2.76
C TYR C 40 -4.71 -12.84 -1.83
N GLN C 41 -3.83 -12.55 -0.86
CA GLN C 41 -4.03 -11.48 0.10
C GLN C 41 -3.10 -10.32 -0.23
N PRO C 42 -3.59 -9.23 -0.81
CA PRO C 42 -2.68 -8.17 -1.28
C PRO C 42 -1.88 -7.49 -0.18
N ASN C 43 -2.44 -7.35 1.02
CA ASN C 43 -1.76 -6.47 1.97
C ASN C 43 -0.45 -7.07 2.46
N ASN C 44 -0.38 -8.40 2.57
CA ASN C 44 0.85 -9.09 2.93
C ASN C 44 1.47 -9.85 1.76
N GLY C 45 0.77 -9.95 0.62
CA GLY C 45 1.33 -10.60 -0.54
C GLY C 45 1.16 -12.11 -0.57
N GLN C 46 0.70 -12.71 0.52
CA GLN C 46 0.65 -14.16 0.59
C GLN C 46 -0.41 -14.69 -0.36
N TYR C 47 -0.10 -15.81 -1.03
CA TYR C 47 -1.08 -16.43 -1.90
C TYR C 47 -0.93 -17.95 -1.89
N ILE C 48 -2.07 -18.61 -2.03
CA ILE C 48 -2.18 -20.04 -2.29
C ILE C 48 -2.42 -20.19 -3.79
N HIS C 49 -1.61 -21.01 -4.47
CA HIS C 49 -1.70 -21.15 -5.91
C HIS C 49 -1.32 -22.57 -6.31
N PHE C 50 -2.18 -23.23 -7.10
CA PHE C 50 -1.92 -24.62 -7.46
C PHE C 50 -2.69 -24.97 -8.72
N TYR C 51 -2.49 -26.19 -9.20
CA TYR C 51 -3.00 -26.66 -10.47
C TYR C 51 -3.75 -27.97 -10.27
N ARG C 52 -4.44 -28.38 -11.32
CA ARG C 52 -5.21 -29.62 -11.33
C ARG C 52 -5.29 -30.14 -12.75
N GLU C 53 -5.05 -31.43 -12.93
CA GLU C 53 -5.22 -32.02 -14.25
C GLU C 53 -6.70 -32.16 -14.58
N PRO C 54 -7.11 -31.83 -15.80
CA PRO C 54 -8.53 -31.92 -16.14
C PRO C 54 -8.94 -33.37 -16.32
N THR C 55 -10.21 -33.62 -16.07
CA THR C 55 -10.76 -34.95 -16.34
C THR C 55 -11.27 -35.08 -17.76
N ASP C 56 -11.74 -33.99 -18.37
CA ASP C 56 -12.22 -34.00 -19.76
C ASP C 56 -11.13 -33.37 -20.61
N ILE C 57 -10.23 -34.24 -21.12
CA ILE C 57 -9.06 -33.75 -21.82
C ILE C 57 -9.42 -33.09 -23.14
N LYS C 58 -10.42 -33.61 -23.85
CA LYS C 58 -10.70 -33.04 -25.16
C LYS C 58 -11.40 -31.70 -25.03
N GLN C 59 -12.21 -31.52 -23.99
N GLN C 59 -12.06 -31.52 -23.90
CA GLN C 59 -12.64 -30.17 -23.76
CA GLN C 59 -12.72 -30.22 -23.67
C GLN C 59 -11.54 -29.25 -23.25
C GLN C 59 -11.65 -29.25 -23.15
N PHE C 60 -10.69 -29.74 -22.35
CA PHE C 60 -9.63 -28.88 -21.86
C PHE C 60 -8.84 -28.26 -23.02
N LYS C 61 -8.60 -29.04 -24.08
CA LYS C 61 -7.78 -28.57 -25.21
C LYS C 61 -8.48 -27.47 -25.99
N GLN C 62 -9.81 -27.62 -26.17
CA GLN C 62 -10.65 -26.62 -26.81
C GLN C 62 -10.76 -25.36 -25.96
N ASP C 63 -11.05 -25.51 -24.65
CA ASP C 63 -11.14 -24.38 -23.72
C ASP C 63 -9.82 -23.62 -23.58
N SER C 64 -8.70 -24.34 -23.61
CA SER C 64 -7.39 -23.72 -23.40
C SER C 64 -7.09 -22.66 -24.44
N LYS C 65 -7.53 -22.87 -25.68
CA LYS C 65 -7.28 -21.93 -26.75
C LYS C 65 -8.02 -20.61 -26.55
N HIS C 66 -9.01 -20.58 -25.66
CA HIS C 66 -9.84 -19.39 -25.50
C HIS C 66 -9.78 -18.82 -24.09
N SER C 67 -8.91 -19.35 -23.21
CA SER C 67 -8.77 -18.78 -21.88
C SER C 67 -7.34 -18.81 -21.36
N HIS C 68 -6.88 -19.98 -20.90
CA HIS C 68 -5.64 -20.02 -20.12
C HIS C 68 -4.42 -20.45 -20.91
N GLY C 69 -4.59 -21.03 -22.10
CA GLY C 69 -3.45 -21.36 -22.92
C GLY C 69 -2.56 -22.45 -22.36
N ILE C 70 -3.07 -23.28 -21.46
CA ILE C 70 -2.23 -24.31 -20.84
C ILE C 70 -2.20 -25.57 -21.69
N ASP C 71 -1.01 -26.09 -21.92
CA ASP C 71 -0.83 -27.38 -22.59
C ASP C 71 -0.98 -28.50 -21.58
N ILE C 72 -1.84 -29.49 -21.88
CA ILE C 72 -2.08 -30.58 -20.95
C ILE C 72 -0.78 -31.25 -20.53
N GLN C 73 0.21 -31.26 -21.42
CA GLN C 73 1.47 -31.94 -21.12
C GLN C 73 2.22 -31.24 -19.99
N ASP C 74 2.00 -29.95 -19.81
CA ASP C 74 2.68 -29.21 -18.75
C ASP C 74 2.05 -29.42 -17.38
N LEU C 75 0.91 -30.11 -17.31
CA LEU C 75 0.23 -30.41 -16.06
C LEU C 75 0.50 -31.83 -15.57
N PHE C 76 1.31 -32.59 -16.30
CA PHE C 76 1.55 -33.98 -15.91
C PHE C 76 2.23 -34.09 -14.56
N SER C 77 2.87 -33.04 -14.10
CA SER C 77 3.68 -33.07 -12.90
C SER C 77 2.99 -32.51 -11.65
N VAL C 78 1.75 -32.04 -11.77
CA VAL C 78 1.13 -31.39 -10.63
C VAL C 78 0.56 -32.43 -9.67
N GLN C 79 0.55 -32.08 -8.40
CA GLN C 79 -0.03 -32.92 -7.37
C GLN C 79 -1.55 -32.92 -7.46
N PRO C 80 -2.19 -34.08 -7.45
CA PRO C 80 -3.66 -34.12 -7.48
C PRO C 80 -4.29 -33.93 -6.10
N GLY C 81 -5.58 -33.58 -6.12
CA GLY C 81 -6.37 -33.51 -4.90
C GLY C 81 -6.29 -32.22 -4.11
N LEU C 82 -5.47 -31.25 -4.55
CA LEU C 82 -5.36 -30.02 -3.79
C LEU C 82 -6.65 -29.21 -3.80
N THR C 83 -7.43 -29.29 -4.88
CA THR C 83 -8.63 -28.46 -4.98
C THR C 83 -9.61 -28.74 -3.86
N SER C 84 -9.96 -30.02 -3.64
CA SER C 84 -10.93 -30.29 -2.58
C SER C 84 -10.32 -30.08 -1.21
N ALA C 85 -9.00 -30.32 -1.09
CA ALA C 85 -8.33 -30.19 0.18
C ALA C 85 -8.23 -28.73 0.62
N VAL C 86 -7.86 -27.84 -0.29
CA VAL C 86 -7.77 -26.43 0.06
C VAL C 86 -9.14 -25.88 0.41
N ILE C 87 -10.13 -26.15 -0.44
CA ILE C 87 -11.45 -25.57 -0.24
C ILE C 87 -12.06 -26.04 1.08
N GLU C 88 -11.85 -27.31 1.44
CA GLU C 88 -12.38 -27.81 2.70
C GLU C 88 -11.75 -27.12 3.90
N SER C 89 -10.49 -26.67 3.78
CA SER C 89 -9.77 -26.05 4.89
C SER C 89 -9.87 -24.54 4.94
N LEU C 90 -10.57 -23.91 4.01
CA LEU C 90 -10.75 -22.46 4.11
C LEU C 90 -11.54 -22.15 5.38
N PRO C 91 -11.23 -21.03 6.06
CA PRO C 91 -11.95 -20.68 7.28
C PRO C 91 -13.46 -20.65 7.08
N LYS C 92 -14.17 -21.01 8.15
CA LYS C 92 -15.63 -20.89 8.14
C LYS C 92 -16.06 -19.46 7.87
N ASN C 93 -17.09 -19.29 7.02
CA ASN C 93 -17.66 -17.98 6.67
C ASN C 93 -16.62 -17.04 6.05
N MET C 94 -15.58 -17.58 5.44
CA MET C 94 -14.62 -16.73 4.76
C MET C 94 -15.32 -15.90 3.68
N VAL C 95 -14.83 -14.68 3.47
CA VAL C 95 -15.35 -13.77 2.45
C VAL C 95 -14.25 -13.49 1.44
N LEU C 96 -14.52 -13.77 0.17
CA LEU C 96 -13.51 -13.64 -0.87
C LEU C 96 -13.92 -12.62 -1.93
N SER C 97 -12.96 -11.83 -2.42
CA SER C 97 -13.22 -10.96 -3.56
C SER C 97 -12.88 -11.66 -4.87
N CYS C 98 -13.64 -11.31 -5.91
CA CYS C 98 -13.45 -11.96 -7.21
C CYS C 98 -13.94 -11.01 -8.29
N GLN C 99 -13.44 -11.21 -9.52
CA GLN C 99 -13.95 -10.56 -10.72
C GLN C 99 -14.73 -11.60 -11.53
N GLY C 100 -16.06 -11.54 -11.44
CA GLY C 100 -16.94 -12.53 -12.03
C GLY C 100 -17.15 -13.72 -11.12
N ALA C 101 -18.29 -13.77 -10.41
CA ALA C 101 -18.45 -14.72 -9.33
C ALA C 101 -19.12 -16.03 -9.71
N ASP C 102 -19.71 -16.14 -10.91
CA ASP C 102 -20.65 -17.24 -11.17
C ASP C 102 -19.99 -18.61 -11.09
N ASP C 103 -18.83 -18.79 -11.72
CA ASP C 103 -18.18 -20.09 -11.71
C ASP C 103 -17.61 -20.43 -10.34
N ILE C 104 -16.98 -19.46 -9.67
CA ILE C 104 -16.43 -19.75 -8.35
C ILE C 104 -17.55 -20.09 -7.38
N ARG C 105 -18.71 -19.41 -7.52
CA ARG C 105 -19.86 -19.77 -6.70
C ARG C 105 -20.25 -21.22 -6.91
N LYS C 106 -20.29 -21.68 -8.16
CA LYS C 106 -20.63 -23.09 -8.40
C LYS C 106 -19.58 -24.03 -7.83
N LEU C 107 -18.29 -23.69 -7.95
CA LEU C 107 -17.25 -24.56 -7.43
C LEU C 107 -17.34 -24.69 -5.92
N LEU C 108 -17.49 -23.56 -5.22
CA LEU C 108 -17.56 -23.62 -3.76
C LEU C 108 -18.79 -24.38 -3.30
N ASP C 109 -19.93 -24.16 -3.96
CA ASP C 109 -21.16 -24.87 -3.63
C ASP C 109 -21.01 -26.36 -3.89
N SER C 110 -20.31 -26.72 -4.98
CA SER C 110 -19.96 -28.11 -5.28
C SER C 110 -19.22 -28.80 -4.12
N GLN C 111 -18.48 -28.04 -3.32
CA GLN C 111 -17.68 -28.53 -2.21
C GLN C 111 -18.37 -28.31 -0.87
N ASN C 112 -19.68 -28.04 -0.89
CA ASN C 112 -20.46 -27.78 0.33
C ASN C 112 -19.82 -26.65 1.13
N ARG C 113 -19.38 -25.61 0.42
CA ARG C 113 -18.91 -24.41 1.10
C ARG C 113 -19.79 -23.23 0.74
N ARG C 114 -21.11 -23.40 0.92
CA ARG C 114 -22.00 -22.28 0.73
C ARG C 114 -21.81 -21.19 1.77
N ASP C 115 -21.11 -21.48 2.87
CA ASP C 115 -20.82 -20.46 3.86
C ASP C 115 -19.80 -19.44 3.37
N ILE C 116 -19.00 -19.78 2.39
CA ILE C 116 -18.00 -18.84 1.87
C ILE C 116 -18.72 -17.84 0.98
N LYS C 117 -18.57 -16.56 1.27
CA LYS C 117 -19.28 -15.54 0.52
C LYS C 117 -18.33 -14.89 -0.48
N LEU C 118 -18.90 -14.43 -1.59
CA LEU C 118 -18.13 -13.81 -2.65
C LEU C 118 -18.57 -12.37 -2.82
N ILE C 119 -17.59 -11.45 -2.86
CA ILE C 119 -17.83 -10.07 -3.22
C ILE C 119 -17.33 -9.91 -4.65
N ASP C 120 -18.26 -9.76 -5.59
CA ASP C 120 -17.93 -9.64 -7.00
C ASP C 120 -17.71 -8.15 -7.29
N VAL C 121 -16.45 -7.77 -7.56
CA VAL C 121 -16.16 -6.36 -7.78
C VAL C 121 -16.74 -5.90 -9.11
N SER C 122 -17.00 -6.85 -10.02
CA SER C 122 -17.76 -6.64 -11.24
C SER C 122 -17.25 -5.44 -12.04
N MET C 123 -15.94 -5.42 -12.27
CA MET C 123 -15.34 -4.39 -13.10
C MET C 123 -15.68 -4.60 -14.57
N GLN C 124 -15.69 -3.49 -15.33
CA GLN C 124 -15.74 -3.58 -16.78
C GLN C 124 -14.51 -4.32 -17.32
N LYS C 125 -14.71 -4.98 -18.46
CA LYS C 125 -13.72 -5.89 -19.03
C LYS C 125 -12.36 -5.23 -19.22
N ASP C 126 -12.35 -4.01 -19.79
CA ASP C 126 -11.08 -3.35 -20.08
C ASP C 126 -10.47 -2.78 -18.81
N ASP C 127 -11.31 -2.21 -17.93
CA ASP C 127 -10.81 -1.71 -16.65
C ASP C 127 -10.11 -2.82 -15.86
N ALA C 128 -10.70 -4.03 -15.85
CA ALA C 128 -10.17 -5.11 -15.03
C ALA C 128 -8.76 -5.50 -15.44
N ARG C 129 -8.43 -5.38 -16.73
CA ARG C 129 -7.12 -5.79 -17.22
C ARG C 129 -6.26 -4.59 -17.63
N LYS C 130 -6.53 -3.41 -17.05
CA LYS C 130 -5.77 -2.21 -17.40
C LYS C 130 -4.27 -2.40 -17.20
N PHE C 131 -3.88 -3.11 -16.15
CA PHE C 131 -2.47 -3.28 -15.79
C PHE C 131 -1.94 -4.65 -16.17
N GLU C 132 -2.61 -5.32 -17.11
CA GLU C 132 -2.23 -6.66 -17.54
C GLU C 132 -0.76 -6.76 -17.99
N ASP C 133 -0.34 -5.86 -18.88
CA ASP C 133 1.00 -5.92 -19.41
C ASP C 133 2.04 -5.77 -18.30
N LYS C 134 1.84 -4.77 -17.45
CA LYS C 134 2.79 -4.48 -16.38
C LYS C 134 2.85 -5.62 -15.37
N ILE C 135 1.70 -6.25 -15.07
CA ILE C 135 1.72 -7.34 -14.12
C ILE C 135 2.48 -8.53 -14.71
N TRP C 136 2.27 -8.84 -15.99
CA TRP C 136 3.06 -9.90 -16.62
C TRP C 136 4.54 -9.53 -16.67
N ASP C 137 4.86 -8.27 -17.00
CA ASP C 137 6.27 -7.88 -17.02
C ASP C 137 6.92 -8.12 -15.66
N GLU C 138 6.23 -7.76 -14.58
CA GLU C 138 6.80 -7.82 -13.25
C GLU C 138 6.76 -9.23 -12.65
N TYR C 139 5.74 -10.03 -12.98
CA TYR C 139 5.48 -11.27 -12.24
C TYR C 139 5.38 -12.51 -13.11
N LYS C 140 5.83 -12.46 -14.37
CA LYS C 140 5.76 -13.63 -15.25
C LYS C 140 6.45 -14.86 -14.64
N HIS C 141 7.46 -14.66 -13.79
CA HIS C 141 8.17 -15.80 -13.23
C HIS C 141 7.31 -16.60 -12.26
N LEU C 142 6.21 -16.02 -11.77
CA LEU C 142 5.39 -16.71 -10.78
C LEU C 142 4.54 -17.82 -11.38
N CYS C 143 4.32 -17.82 -12.70
CA CYS C 143 3.58 -18.91 -13.34
C CYS C 143 4.01 -19.05 -14.78
N ARG C 144 4.54 -20.21 -15.14
N ARG C 144 4.49 -20.23 -15.14
CA ARG C 144 4.99 -20.45 -16.50
CA ARG C 144 4.99 -20.45 -16.51
C ARG C 144 4.12 -21.43 -17.28
C ARG C 144 4.15 -21.52 -17.22
N MET C 145 2.88 -21.67 -16.82
CA MET C 145 2.05 -22.69 -17.44
C MET C 145 1.34 -22.21 -18.71
N HIS C 146 1.35 -20.92 -19.01
CA HIS C 146 0.47 -20.35 -20.03
C HIS C 146 1.25 -20.14 -21.33
N THR C 147 1.33 -21.21 -22.15
CA THR C 147 2.19 -21.20 -23.33
C THR C 147 1.45 -21.06 -24.65
N GLY C 148 0.17 -21.39 -24.72
CA GLY C 148 -0.51 -21.43 -25.99
C GLY C 148 -1.04 -20.08 -26.41
N ILE C 149 -1.34 -19.95 -27.70
CA ILE C 149 -1.99 -18.75 -28.21
C ILE C 149 -3.46 -18.80 -27.83
N VAL C 150 -3.96 -17.68 -27.30
CA VAL C 150 -5.34 -17.56 -26.84
C VAL C 150 -6.03 -16.49 -27.65
N THR C 151 -7.20 -16.81 -28.17
CA THR C 151 -8.04 -15.86 -28.90
C THR C 151 -9.42 -15.79 -28.26
N GLN C 152 -10.00 -14.59 -28.29
CA GLN C 152 -11.31 -14.36 -27.72
C GLN C 152 -12.13 -13.48 -28.66
N LYS C 153 -13.44 -13.48 -28.44
CA LYS C 153 -14.27 -12.55 -29.18
C LYS C 153 -13.98 -11.12 -28.73
N LYS C 154 -14.32 -10.21 -29.62
CA LYS C 154 -13.85 -8.84 -29.72
C LYS C 154 -15.14 -8.04 -29.60
N LYS C 155 -15.13 -6.91 -28.88
CA LYS C 155 -16.43 -6.27 -28.65
C LYS C 155 -17.26 -5.99 -29.90
N ARG C 156 -16.78 -5.08 -30.75
CA ARG C 156 -17.40 -4.66 -31.99
C ARG C 156 -16.81 -5.30 -33.25
N GLY C 157 -15.94 -6.29 -33.12
CA GLY C 157 -15.39 -6.78 -34.37
C GLY C 157 -14.64 -8.09 -34.54
N GLY C 158 -15.33 -9.18 -34.21
CA GLY C 158 -14.80 -10.53 -34.45
C GLY C 158 -14.04 -11.15 -33.30
N LYS C 159 -12.80 -11.53 -33.57
CA LYS C 159 -11.93 -12.24 -32.60
C LYS C 159 -10.55 -11.60 -32.62
N GLU C 160 -9.80 -11.78 -31.54
CA GLU C 160 -8.43 -11.21 -31.39
C GLU C 160 -7.61 -12.08 -30.44
N GLU C 161 -6.29 -12.01 -30.57
CA GLU C 161 -5.41 -12.73 -29.64
C GLU C 161 -5.29 -11.87 -28.37
N VAL C 162 -5.28 -12.49 -27.21
CA VAL C 162 -5.13 -11.82 -25.92
C VAL C 162 -4.05 -12.58 -25.15
N THR C 163 -3.54 -11.97 -24.09
CA THR C 163 -2.62 -12.71 -23.22
C THR C 163 -3.41 -13.81 -22.52
N PRO C 164 -2.85 -15.00 -22.39
CA PRO C 164 -3.55 -16.03 -21.64
C PRO C 164 -3.87 -15.58 -20.23
N HIS C 165 -4.94 -16.12 -19.70
CA HIS C 165 -5.36 -15.81 -18.34
C HIS C 165 -4.74 -16.80 -17.37
N CYS C 166 -4.07 -16.26 -16.35
CA CYS C 166 -3.50 -17.04 -15.25
C CYS C 166 -4.28 -16.67 -13.99
N ALA C 167 -4.70 -17.69 -13.23
CA ALA C 167 -5.51 -17.39 -12.04
C ALA C 167 -4.75 -16.49 -11.06
N LEU C 168 -3.44 -16.73 -10.93
CA LEU C 168 -2.67 -15.92 -9.97
C LEU C 168 -2.47 -14.49 -10.50
N LEU C 169 -2.01 -14.34 -11.73
CA LEU C 169 -1.76 -12.99 -12.22
C LEU C 169 -3.06 -12.23 -12.45
N ASP C 170 -4.16 -12.93 -12.71
CA ASP C 170 -5.47 -12.27 -12.70
C ASP C 170 -5.76 -11.66 -11.33
N CYS C 171 -5.54 -12.42 -10.24
CA CYS C 171 -5.67 -11.84 -8.90
C CYS C 171 -4.83 -10.58 -8.76
N LEU C 172 -3.56 -10.64 -9.17
CA LEU C 172 -2.67 -9.49 -8.98
C LEU C 172 -3.16 -8.29 -9.77
N MET C 173 -3.53 -8.49 -11.05
CA MET C 173 -3.94 -7.35 -11.87
C MET C 173 -5.30 -6.83 -11.46
N PHE C 174 -6.17 -7.67 -10.92
CA PHE C 174 -7.47 -7.17 -10.45
C PHE C 174 -7.29 -6.29 -9.23
N GLU C 175 -6.39 -6.66 -8.32
CA GLU C 175 -6.07 -5.78 -7.22
C GLU C 175 -5.51 -4.46 -7.73
N ALA C 176 -4.57 -4.54 -8.69
CA ALA C 176 -4.00 -3.33 -9.27
C ALA C 176 -5.09 -2.46 -9.87
N ALA C 177 -6.04 -3.08 -10.57
CA ALA C 177 -7.13 -2.34 -11.16
C ALA C 177 -8.00 -1.66 -10.10
N VAL C 178 -8.31 -2.37 -9.01
CA VAL C 178 -9.15 -1.78 -7.97
C VAL C 178 -8.45 -0.56 -7.35
N ILE C 179 -7.15 -0.69 -7.03
CA ILE C 179 -6.46 0.39 -6.33
C ILE C 179 -5.90 1.44 -7.27
N GLY C 180 -5.87 1.18 -8.57
CA GLY C 180 -5.41 2.17 -9.52
C GLY C 180 -3.91 2.19 -9.72
N SER C 181 -3.21 1.10 -9.39
CA SER C 181 -1.75 1.06 -9.49
C SER C 181 -1.29 -0.36 -9.47
N PRO C 182 -0.26 -0.73 -10.30
CA PRO C 182 0.31 -2.07 -10.26
C PRO C 182 1.43 -2.26 -9.25
N GLN C 183 1.73 -1.26 -8.41
CA GLN C 183 2.76 -1.37 -7.38
C GLN C 183 2.14 -2.05 -6.16
N ILE C 184 2.35 -3.35 -6.03
CA ILE C 184 1.82 -4.11 -4.90
C ILE C 184 2.94 -4.68 -4.02
N PRO C 185 2.66 -4.98 -2.75
CA PRO C 185 3.63 -5.72 -1.95
C PRO C 185 4.00 -7.03 -2.66
N THR C 186 5.26 -7.40 -2.54
CA THR C 186 5.79 -8.58 -3.23
C THR C 186 4.93 -9.81 -2.94
N PRO C 187 4.36 -10.45 -3.96
CA PRO C 187 3.60 -11.67 -3.70
C PRO C 187 4.53 -12.79 -3.25
N ARG C 188 4.05 -13.56 -2.27
CA ARG C 188 4.84 -14.66 -1.70
C ARG C 188 3.98 -15.91 -1.68
N PRO C 189 4.45 -17.02 -2.26
CA PRO C 189 3.66 -18.26 -2.21
C PRO C 189 3.65 -18.89 -0.83
N VAL C 190 2.47 -19.33 -0.42
CA VAL C 190 2.29 -19.99 0.87
C VAL C 190 2.58 -21.48 0.79
N LEU C 191 2.28 -22.11 -0.36
CA LEU C 191 2.50 -23.55 -0.53
C LEU C 191 3.92 -23.82 -1.00
N SER C 192 4.54 -24.84 -0.41
CA SER C 192 5.83 -25.27 -0.92
C SER C 192 5.68 -25.94 -2.29
N ARG C 193 6.73 -25.79 -3.10
CA ARG C 193 6.74 -26.40 -4.43
C ARG C 193 6.52 -27.91 -4.37
N ASP C 194 6.92 -28.55 -3.27
CA ASP C 194 6.76 -30.00 -3.14
C ASP C 194 5.33 -30.41 -2.82
N LEU C 195 4.47 -29.48 -2.38
CA LEU C 195 3.06 -29.77 -2.28
C LEU C 195 2.32 -29.52 -3.59
N VAL C 196 2.79 -28.55 -4.38
CA VAL C 196 2.12 -28.20 -5.63
C VAL C 196 2.43 -29.23 -6.71
N PHE C 197 3.67 -29.70 -6.75
CA PHE C 197 4.12 -30.65 -7.76
C PHE C 197 4.48 -31.97 -7.09
N ARG C 198 4.20 -33.08 -7.77
CA ARG C 198 4.65 -34.38 -7.29
C ARG C 198 6.18 -34.48 -7.27
N THR C 199 6.70 -35.01 -6.17
CA THR C 199 8.16 -35.20 -6.06
C THR C 199 8.51 -36.61 -6.50
N GLY C 200 9.77 -36.82 -6.81
CA GLY C 200 10.23 -38.14 -7.25
C GLY C 200 11.22 -38.02 -8.38
N PRO C 201 11.73 -39.16 -8.91
CA PRO C 201 12.66 -39.14 -10.01
C PRO C 201 12.03 -38.50 -11.26
N PRO C 202 12.83 -37.86 -12.12
CA PRO C 202 12.30 -37.24 -13.31
C PRO C 202 11.77 -38.24 -14.35
N ARG C 203 10.96 -37.74 -15.25
CA ARG C 203 10.39 -38.60 -16.31
C ARG C 203 11.51 -39.05 -17.26
N VAL C 204 12.50 -38.20 -17.51
CA VAL C 204 13.59 -38.52 -18.48
C VAL C 204 14.95 -38.57 -17.82
N VAL C 205 15.70 -39.64 -18.05
CA VAL C 205 17.10 -39.70 -17.57
C VAL C 205 17.92 -39.13 -18.72
N LEU C 206 18.65 -38.05 -18.48
CA LEU C 206 19.40 -37.39 -19.54
C LEU C 206 20.88 -37.64 -19.37
MN MN D . -16.38 7.87 15.10
ZN ZN E . -9.24 11.28 11.30
MN MN F . 19.77 3.22 5.62
ZN ZN G . 26.88 5.81 1.07
MN MN H . -8.88 -15.63 -14.56
ZN ZN I . -0.95 -19.42 -14.06
#